data_1MP7
#
_entry.id   1MP7
#
loop_
_entity.id
_entity.type
_entity.pdbx_description
1 polymer "5'-D(*GP*CP*CP*AP*GP*AP*GP*AP*GP*C)-3'"
2 non-polymer [(R)-4-((1,3-DIOXOLANE-2-OXY)-4-(S)-YL)-4-HYDROXY]-(R)-10-(2-METHYLAMINO-5-METHYL-2,6-DIDEOXYGALACTOPYRANOSYL-OXY)-(R)-11-(2-HYDROXY-5-METHYL-7-METHOXY-1-NAPHTHOYL-OXY)-(R)-12-S-GLUTATHIONYL-4,10,11,12-TETRAHYDROINDACENE
#
_entity_poly.entity_id   1
_entity_poly.type   'polydeoxyribonucleotide'
_entity_poly.pdbx_seq_one_letter_code
;(DG)(DC)(DC)(DA)(DG)(DA)(DG)(DA)(DG)(DC)
;
_entity_poly.pdbx_strand_id   A
#